data_5L1P
#
_entry.id   5L1P
#
_cell.length_a   44.328
_cell.length_b   163.758
_cell.length_c   81.344
_cell.angle_alpha   90.000
_cell.angle_beta   90.000
_cell.angle_gamma   90.000
#
_symmetry.space_group_name_H-M   'P 21 21 2'
#
loop_
_entity.id
_entity.type
_entity.pdbx_description
1 polymer 'Pentalenolactone synthase'
2 non-polymer 'PROTOPORPHYRIN IX CONTAINING FE'
3 non-polymer pentalenolactone
4 water water
#
_entity_poly.entity_id   1
_entity_poly.type   'polypeptide(L)'
_entity_poly.pdbx_seq_one_letter_code
;GSHMTDLPRLPFDNPDIMGIAPQMLALQKEGPIARVGTAGEDAWLVTRYDEVRTLLADRRLRLSNPNPQPSAKSAARAFM
VALMAGDDHETEPARHAQMRSLLIPRFSTRRLRLMKTRIEHHVDELLDQLAASAPPVDLHRVLSFRLPTMVVCDLLGVPL
ADRERFGQWARGTFDQSDNEHSANTFQQVVDYMLELVARKRVEPGDDILSELIAEKDGALSDADIAHLGNAVLLFGYETT
IVRIDLGTLLLLRNPVQRAQLAEDPGLAPAAVEEILRLGVGGKGSNALIPRYAHGDITVGETVIRTGDAVMLAIGAANYD
DRAFPDGGLFDLTRVRPRSHLAFGHGARHCIGRTLARIELTAVFERLFRRLPDLRLAVPEESLRWQEHRITGGFDEIPVT
F
;
_entity_poly.pdbx_strand_id   A
#
# COMPACT_ATOMS: atom_id res chain seq x y z
N THR A 5 -20.75 18.66 -22.01
CA THR A 5 -20.92 17.92 -20.76
C THR A 5 -20.69 16.43 -20.97
N ASP A 6 -19.67 15.90 -20.31
CA ASP A 6 -19.31 14.49 -20.44
C ASP A 6 -18.87 14.03 -19.06
N LEU A 7 -19.68 13.20 -18.43
CA LEU A 7 -19.33 12.62 -17.15
C LEU A 7 -17.98 11.90 -17.26
N PRO A 8 -16.96 12.32 -16.52
CA PRO A 8 -15.70 11.57 -16.51
C PRO A 8 -15.89 10.21 -15.83
N ARG A 9 -15.30 9.18 -16.42
CA ARG A 9 -15.48 7.80 -15.97
C ARG A 9 -14.13 7.23 -15.52
N LEU A 10 -14.05 6.90 -14.23
CA LEU A 10 -12.92 6.15 -13.70
C LEU A 10 -12.96 4.71 -14.21
N PRO A 11 -11.78 4.08 -14.44
CA PRO A 11 -10.44 4.66 -14.28
C PRO A 11 -10.04 5.46 -15.50
N PHE A 12 -9.30 6.56 -15.28
CA PHE A 12 -8.82 7.38 -16.38
C PHE A 12 -7.60 6.74 -17.04
N ASP A 13 -7.44 7.01 -18.33
CA ASP A 13 -6.26 6.57 -19.09
C ASP A 13 -5.01 7.28 -18.60
N ASN A 14 -3.89 6.57 -18.60
CA ASN A 14 -2.57 7.17 -18.36
C ASN A 14 -1.63 6.78 -19.49
N PRO A 15 -1.18 7.71 -20.32
CA PRO A 15 -0.24 7.34 -21.39
C PRO A 15 1.14 6.96 -20.88
N ASP A 16 1.47 7.29 -19.63
CA ASP A 16 2.72 6.91 -18.99
C ASP A 16 2.50 5.71 -18.08
N ILE A 17 3.58 4.99 -17.76
CA ILE A 17 3.51 3.86 -16.84
C ILE A 17 3.43 4.28 -15.38
N MET A 18 3.67 5.56 -15.08
CA MET A 18 3.57 6.11 -13.74
C MET A 18 2.94 7.48 -13.81
N GLY A 19 2.63 8.03 -12.64
CA GLY A 19 2.09 9.36 -12.52
C GLY A 19 0.58 9.38 -12.37
N ILE A 20 0.03 10.56 -12.58
CA ILE A 20 -1.40 10.80 -12.47
C ILE A 20 -1.96 10.96 -13.89
N ALA A 21 -3.09 10.30 -14.15
CA ALA A 21 -3.74 10.39 -15.44
C ALA A 21 -4.04 11.85 -15.80
N PRO A 22 -3.80 12.26 -17.04
CA PRO A 22 -4.16 13.63 -17.46
C PRO A 22 -5.55 14.12 -17.05
N GLN A 23 -6.60 13.32 -17.21
N GLN A 23 -6.59 13.29 -17.19
CA GLN A 23 -7.94 13.81 -16.90
CA GLN A 23 -7.95 13.74 -16.91
C GLN A 23 -8.07 14.11 -15.42
C GLN A 23 -8.18 14.00 -15.42
N MET A 24 -7.41 13.32 -14.57
CA MET A 24 -7.44 13.55 -13.14
C MET A 24 -6.80 14.90 -12.79
N LEU A 25 -5.65 15.20 -13.41
CA LEU A 25 -5.01 16.49 -13.24
C LEU A 25 -5.90 17.61 -13.77
N ALA A 26 -6.58 17.37 -14.90
CA ALA A 26 -7.51 18.35 -15.45
C ALA A 26 -8.64 18.64 -14.46
N LEU A 27 -9.24 17.61 -13.88
CA LEU A 27 -10.27 17.83 -12.87
C LEU A 27 -9.72 18.61 -11.67
N GLN A 28 -8.52 18.24 -11.22
CA GLN A 28 -7.94 18.87 -10.03
C GLN A 28 -7.70 20.37 -10.23
N LYS A 29 -7.30 20.78 -11.44
CA LYS A 29 -7.14 22.22 -11.68
C LYS A 29 -8.49 22.92 -11.74
N GLU A 30 -9.54 22.21 -12.14
CA GLU A 30 -10.85 22.84 -12.22
C GLU A 30 -11.41 23.11 -10.83
N GLY A 31 -11.21 22.20 -9.89
CA GLY A 31 -11.74 22.33 -8.56
C GLY A 31 -11.40 21.13 -7.71
N PRO A 32 -11.77 21.16 -6.42
CA PRO A 32 -11.35 20.09 -5.52
C PRO A 32 -12.17 18.80 -5.63
N ILE A 33 -13.40 18.87 -6.10
CA ILE A 33 -14.32 17.74 -6.03
C ILE A 33 -15.13 17.67 -7.33
N ALA A 34 -15.32 16.46 -7.85
CA ALA A 34 -15.98 16.22 -9.13
C ALA A 34 -16.84 14.97 -9.03
N ARG A 35 -18.03 15.03 -9.62
CA ARG A 35 -18.84 13.84 -9.80
C ARG A 35 -18.34 13.04 -11.00
N VAL A 36 -18.10 11.75 -10.80
CA VAL A 36 -17.54 10.90 -11.83
C VAL A 36 -18.29 9.56 -11.83
N GLY A 37 -18.33 8.92 -13.01
CA GLY A 37 -18.70 7.53 -13.05
C GLY A 37 -17.55 6.62 -12.66
N THR A 38 -17.90 5.39 -12.28
CA THR A 38 -16.92 4.35 -11.97
C THR A 38 -17.39 3.04 -12.61
N ALA A 39 -16.72 1.94 -12.24
CA ALA A 39 -17.17 0.64 -12.72
C ALA A 39 -18.55 0.30 -12.18
N GLY A 40 -18.90 0.83 -11.02
CA GLY A 40 -20.23 0.64 -10.47
C GLY A 40 -20.97 1.94 -10.24
N GLU A 41 -21.05 2.37 -8.99
CA GLU A 41 -21.82 3.57 -8.66
C GLU A 41 -21.02 4.83 -8.97
N ASP A 42 -21.74 5.89 -9.31
CA ASP A 42 -21.13 7.20 -9.42
C ASP A 42 -20.61 7.63 -8.05
N ALA A 43 -19.63 8.53 -8.07
CA ALA A 43 -18.98 8.88 -6.83
C ALA A 43 -18.46 10.30 -6.94
N TRP A 44 -18.30 10.93 -5.77
CA TRP A 44 -17.55 12.17 -5.68
C TRP A 44 -16.06 11.85 -5.67
N LEU A 45 -15.31 12.50 -6.54
CA LEU A 45 -13.87 12.31 -6.58
C LEU A 45 -13.20 13.58 -6.08
N VAL A 46 -12.45 13.45 -4.98
CA VAL A 46 -11.73 14.58 -4.39
C VAL A 46 -10.27 14.47 -4.79
N THR A 47 -9.74 15.55 -5.36
CA THR A 47 -8.45 15.51 -6.03
C THR A 47 -7.38 16.40 -5.41
N ARG A 48 -7.75 17.48 -4.72
CA ARG A 48 -6.78 18.40 -4.15
C ARG A 48 -6.38 17.98 -2.74
N TYR A 49 -5.11 18.29 -2.40
CA TYR A 49 -4.51 17.82 -1.15
C TYR A 49 -5.30 18.28 0.07
N ASP A 50 -5.59 19.58 0.17
CA ASP A 50 -6.24 20.11 1.36
C ASP A 50 -7.53 19.38 1.65
N GLU A 51 -8.37 19.24 0.61
CA GLU A 51 -9.67 18.60 0.79
C GLU A 51 -9.54 17.10 1.04
N VAL A 52 -8.57 16.43 0.41
CA VAL A 52 -8.42 15.00 0.64
C VAL A 52 -7.98 14.75 2.09
N ARG A 53 -6.99 15.51 2.56
CA ARG A 53 -6.50 15.37 3.92
C ARG A 53 -7.60 15.65 4.95
N THR A 54 -8.37 16.72 4.74
CA THR A 54 -9.42 17.07 5.70
C THR A 54 -10.49 15.99 5.77
N LEU A 55 -10.91 15.46 4.62
CA LEU A 55 -11.96 14.44 4.60
C LEU A 55 -11.47 13.10 5.14
N LEU A 56 -10.19 12.77 4.94
CA LEU A 56 -9.63 11.55 5.54
C LEU A 56 -9.67 11.61 7.06
N ALA A 57 -9.76 12.82 7.62
CA ALA A 57 -9.84 13.05 9.05
C ALA A 57 -11.25 13.33 9.52
N ASP A 58 -12.23 13.35 8.60
CA ASP A 58 -13.63 13.63 8.93
C ASP A 58 -14.33 12.32 9.25
N ARG A 59 -14.87 12.21 10.46
CA ARG A 59 -15.42 10.92 10.86
C ARG A 59 -16.83 10.66 10.29
N ARG A 60 -17.45 11.64 9.62
CA ARG A 60 -18.66 11.31 8.87
C ARG A 60 -18.36 10.49 7.62
N LEU A 61 -17.08 10.29 7.30
CA LEU A 61 -16.65 9.60 6.09
C LEU A 61 -16.00 8.29 6.52
N ARG A 62 -16.63 7.18 6.21
CA ARG A 62 -16.26 5.88 6.76
C ARG A 62 -16.09 4.87 5.64
N LEU A 63 -15.30 3.84 5.92
CA LEU A 63 -15.14 2.75 4.97
C LEU A 63 -16.46 2.02 4.74
N SER A 64 -17.24 1.83 5.81
CA SER A 64 -18.44 1.01 5.73
C SER A 64 -19.52 1.69 4.89
N ASN A 65 -20.34 0.86 4.22
CA ASN A 65 -21.44 1.34 3.40
C ASN A 65 -22.71 1.36 4.25
N PRO A 66 -23.31 2.52 4.50
CA PRO A 66 -24.51 2.59 5.34
C PRO A 66 -25.81 2.35 4.60
N ASN A 67 -25.76 2.08 3.31
CA ASN A 67 -26.95 2.10 2.47
C ASN A 67 -27.79 0.84 2.66
N PRO A 68 -29.12 0.97 2.61
CA PRO A 68 -29.98 -0.20 2.86
C PRO A 68 -29.77 -1.34 1.89
N GLN A 69 -29.57 -1.03 0.62
CA GLN A 69 -29.26 -2.10 -0.32
C GLN A 69 -27.84 -1.87 -0.83
N PRO A 70 -26.81 -2.33 -0.10
CA PRO A 70 -25.45 -2.10 -0.55
C PRO A 70 -25.19 -2.75 -1.91
N SER A 71 -24.60 -1.97 -2.81
CA SER A 71 -24.30 -2.48 -4.15
C SER A 71 -23.27 -3.60 -4.10
N ALA A 72 -23.42 -4.58 -4.99
CA ALA A 72 -22.55 -5.75 -5.01
C ALA A 72 -21.16 -5.37 -5.51
N LYS A 73 -20.14 -5.83 -4.78
CA LYS A 73 -18.74 -5.53 -5.10
C LYS A 73 -18.01 -6.82 -5.46
N SER A 74 -16.80 -6.67 -6.02
CA SER A 74 -15.97 -7.83 -6.29
C SER A 74 -15.70 -8.60 -5.00
N ALA A 75 -15.51 -9.91 -5.12
CA ALA A 75 -15.04 -10.66 -3.96
C ALA A 75 -13.78 -10.03 -3.38
N ALA A 76 -12.85 -9.65 -4.27
CA ALA A 76 -11.59 -9.03 -3.84
C ALA A 76 -11.83 -7.85 -2.90
N ARG A 77 -12.65 -6.90 -3.34
CA ARG A 77 -12.95 -5.73 -2.52
C ARG A 77 -13.70 -6.13 -1.25
N ALA A 78 -14.57 -7.15 -1.35
CA ALA A 78 -15.32 -7.59 -0.17
C ALA A 78 -14.40 -8.18 0.89
N PHE A 79 -13.40 -8.98 0.46
CA PHE A 79 -12.40 -9.46 1.42
C PHE A 79 -11.59 -8.31 2.01
N MET A 80 -11.14 -7.38 1.17
CA MET A 80 -10.38 -6.24 1.67
C MET A 80 -11.16 -5.48 2.73
N VAL A 81 -12.42 -5.18 2.45
CA VAL A 81 -13.22 -4.40 3.40
C VAL A 81 -13.47 -5.21 4.66
N ALA A 82 -13.68 -6.53 4.52
CA ALA A 82 -13.92 -7.38 5.67
C ALA A 82 -12.70 -7.45 6.58
N LEU A 83 -11.50 -7.48 5.99
CA LEU A 83 -10.28 -7.50 6.79
C LEU A 83 -10.07 -6.19 7.53
N MET A 84 -10.64 -5.09 7.03
CA MET A 84 -10.49 -3.79 7.66
C MET A 84 -11.62 -3.47 8.64
N ALA A 85 -12.42 -4.48 9.02
CA ALA A 85 -13.59 -4.35 9.91
C ALA A 85 -14.62 -3.36 9.36
N GLY A 86 -14.72 -3.24 8.04
CA GLY A 86 -15.59 -2.29 7.36
C GLY A 86 -16.84 -2.88 6.75
N ASP A 87 -17.12 -4.16 6.94
CA ASP A 87 -18.21 -4.82 6.23
C ASP A 87 -19.57 -4.65 6.89
N ASP A 88 -19.62 -4.26 8.16
CA ASP A 88 -20.88 -4.01 8.86
C ASP A 88 -20.81 -2.63 9.49
N HIS A 89 -21.58 -1.68 8.93
CA HIS A 89 -21.51 -0.30 9.41
C HIS A 89 -21.98 -0.16 10.85
N GLU A 90 -22.81 -1.07 11.36
CA GLU A 90 -23.28 -0.99 12.75
C GLU A 90 -22.20 -1.41 13.73
N THR A 91 -21.34 -2.36 13.36
CA THR A 91 -20.31 -2.84 14.26
C THR A 91 -18.94 -2.24 14.00
N GLU A 92 -18.78 -1.52 12.88
CA GLU A 92 -17.48 -0.97 12.50
C GLU A 92 -16.82 -0.14 13.59
N PRO A 93 -17.52 0.79 14.28
CA PRO A 93 -16.85 1.57 15.34
C PRO A 93 -16.15 0.74 16.40
N ALA A 94 -16.87 -0.21 17.02
CA ALA A 94 -16.23 -1.04 18.04
C ALA A 94 -15.19 -1.99 17.42
N ARG A 95 -15.50 -2.58 16.26
CA ARG A 95 -14.62 -3.58 15.68
C ARG A 95 -13.33 -2.95 15.16
N HIS A 96 -13.44 -1.79 14.53
CA HIS A 96 -12.26 -1.10 14.02
C HIS A 96 -11.38 -0.58 15.15
N ALA A 97 -12.00 -0.04 16.22
CA ALA A 97 -11.22 0.38 17.38
C ALA A 97 -10.45 -0.80 17.99
N GLN A 98 -11.11 -1.95 18.16
CA GLN A 98 -10.42 -3.11 18.69
C GLN A 98 -9.27 -3.53 17.79
N MET A 99 -9.48 -3.46 16.47
CA MET A 99 -8.47 -3.89 15.51
C MET A 99 -7.21 -3.04 15.59
N ARG A 100 -7.38 -1.71 15.62
CA ARG A 100 -6.22 -0.83 15.74
C ARG A 100 -5.57 -0.98 17.11
N SER A 101 -6.37 -1.13 18.15
CA SER A 101 -5.82 -1.26 19.49
CA SER A 101 -5.82 -1.27 19.49
C SER A 101 -4.97 -2.52 19.62
N LEU A 102 -5.35 -3.59 18.91
CA LEU A 102 -4.60 -4.83 19.04
C LEU A 102 -3.37 -4.85 18.13
N LEU A 103 -3.40 -4.11 17.03
CA LEU A 103 -2.30 -4.20 16.06
C LEU A 103 -1.22 -3.15 16.27
N ILE A 104 -1.58 -1.95 16.72
CA ILE A 104 -0.59 -0.90 16.92
C ILE A 104 0.53 -1.31 17.87
N PRO A 105 0.24 -1.92 19.04
CA PRO A 105 1.36 -2.29 19.95
C PRO A 105 2.27 -3.37 19.39
N ARG A 106 1.85 -4.09 18.34
CA ARG A 106 2.74 -5.07 17.73
C ARG A 106 3.88 -4.40 16.98
N PHE A 107 3.76 -3.13 16.67
CA PHE A 107 4.82 -2.45 15.95
C PHE A 107 5.56 -1.53 16.92
N SER A 108 6.08 -2.12 17.99
CA SER A 108 6.76 -1.39 19.04
C SER A 108 8.17 -0.99 18.60
N THR A 109 8.72 -0.01 19.31
CA THR A 109 10.10 0.39 19.07
C THR A 109 11.06 -0.79 19.19
N ARG A 110 10.89 -1.62 20.22
CA ARG A 110 11.76 -2.78 20.37
C ARG A 110 11.66 -3.70 19.16
N ARG A 111 10.45 -3.98 18.69
CA ARG A 111 10.33 -4.85 17.53
C ARG A 111 10.88 -4.16 16.29
N LEU A 112 10.62 -2.86 16.14
CA LEU A 112 11.08 -2.17 14.94
C LEU A 112 12.61 -2.09 14.90
N ARG A 113 13.25 -1.83 16.04
CA ARG A 113 14.71 -1.77 16.04
C ARG A 113 15.32 -3.13 15.72
N LEU A 114 14.80 -4.23 16.29
CA LEU A 114 15.33 -5.53 15.91
C LEU A 114 15.06 -5.80 14.43
N MET A 115 13.86 -5.46 13.96
CA MET A 115 13.50 -5.70 12.57
C MET A 115 14.43 -4.94 11.65
N LYS A 116 14.82 -3.72 12.05
CA LYS A 116 15.65 -2.88 11.20
C LYS A 116 17.00 -3.53 10.96
N THR A 117 17.62 -4.06 12.01
CA THR A 117 18.92 -4.72 11.87
C THR A 117 18.84 -5.90 10.92
N ARG A 118 17.87 -6.80 11.14
CA ARG A 118 17.70 -7.94 10.24
C ARG A 118 17.42 -7.49 8.80
N ILE A 119 16.52 -6.50 8.63
CA ILE A 119 16.24 -6.01 7.28
C ILE A 119 17.52 -5.57 6.59
N GLU A 120 18.39 -4.86 7.32
CA GLU A 120 19.62 -4.35 6.73
C GLU A 120 20.55 -5.47 6.28
N HIS A 121 20.72 -6.52 7.11
CA HIS A 121 21.53 -7.66 6.70
C HIS A 121 20.93 -8.37 5.51
N HIS A 122 19.59 -8.49 5.49
CA HIS A 122 18.93 -9.21 4.41
C HIS A 122 19.12 -8.50 3.07
N VAL A 123 18.99 -7.16 3.05
CA VAL A 123 19.21 -6.41 1.81
C VAL A 123 20.64 -6.59 1.33
N ASP A 124 21.62 -6.51 2.25
CA ASP A 124 23.00 -6.73 1.86
C ASP A 124 23.16 -8.07 1.16
N GLU A 125 22.53 -9.11 1.73
CA GLU A 125 22.63 -10.46 1.21
C GLU A 125 21.89 -10.58 -0.11
N LEU A 126 20.71 -9.95 -0.21
CA LEU A 126 19.98 -9.94 -1.49
C LEU A 126 20.78 -9.26 -2.59
N LEU A 127 21.49 -8.15 -2.27
CA LEU A 127 22.22 -7.41 -3.30
C LEU A 127 23.52 -8.11 -3.68
N ASP A 128 24.18 -8.78 -2.72
CA ASP A 128 25.33 -9.60 -3.08
C ASP A 128 24.93 -10.68 -4.08
N GLN A 129 23.78 -11.30 -3.87
CA GLN A 129 23.28 -12.29 -4.83
C GLN A 129 22.99 -11.65 -6.17
N LEU A 130 22.27 -10.52 -6.16
CA LEU A 130 21.97 -9.81 -7.39
C LEU A 130 23.24 -9.50 -8.15
N ALA A 131 24.25 -8.95 -7.45
CA ALA A 131 25.48 -8.53 -8.11
C ALA A 131 26.24 -9.72 -8.68
N ALA A 132 26.09 -10.90 -8.07
CA ALA A 132 26.78 -12.09 -8.55
C ALA A 132 26.07 -12.75 -9.73
N SER A 133 24.84 -12.33 -10.05
CA SER A 133 24.12 -13.01 -11.11
C SER A 133 24.42 -12.33 -12.45
N ALA A 134 24.08 -13.05 -13.53
CA ALA A 134 24.29 -12.55 -14.89
C ALA A 134 23.06 -11.83 -15.40
N PRO A 135 23.20 -10.61 -15.91
CA PRO A 135 22.05 -9.90 -16.51
C PRO A 135 21.60 -10.58 -17.78
N PRO A 136 20.31 -10.42 -18.20
CA PRO A 136 19.26 -9.66 -17.49
C PRO A 136 18.66 -10.42 -16.31
N VAL A 137 18.35 -9.70 -15.24
CA VAL A 137 17.82 -10.26 -14.00
C VAL A 137 16.50 -9.58 -13.69
N ASP A 138 15.52 -10.36 -13.24
CA ASP A 138 14.24 -9.77 -12.83
C ASP A 138 14.40 -9.19 -11.43
N LEU A 139 14.59 -7.88 -11.34
CA LEU A 139 14.77 -7.23 -10.05
C LEU A 139 13.54 -7.42 -9.15
N HIS A 140 12.35 -7.42 -9.75
CA HIS A 140 11.13 -7.60 -8.97
C HIS A 140 11.18 -8.90 -8.18
N ARG A 141 11.60 -9.97 -8.83
CA ARG A 141 11.60 -11.30 -8.24
C ARG A 141 12.67 -11.45 -7.17
N VAL A 142 13.90 -10.95 -7.42
CA VAL A 142 15.03 -11.27 -6.55
C VAL A 142 15.31 -10.19 -5.49
N LEU A 143 14.62 -9.05 -5.55
CA LEU A 143 14.78 -8.01 -4.52
C LEU A 143 13.43 -7.49 -4.03
N SER A 144 12.65 -6.92 -4.94
CA SER A 144 11.41 -6.25 -4.55
C SER A 144 10.48 -7.19 -3.80
N PHE A 145 10.31 -8.41 -4.31
CA PHE A 145 9.40 -9.36 -3.68
C PHE A 145 10.01 -9.99 -2.43
N ARG A 146 11.33 -10.14 -2.38
CA ARG A 146 11.93 -10.98 -1.36
C ARG A 146 12.05 -10.27 -0.02
N LEU A 147 12.42 -8.98 -0.02
CA LEU A 147 12.58 -8.31 1.27
C LEU A 147 11.26 -8.19 2.02
N PRO A 148 10.16 -7.65 1.44
CA PRO A 148 8.92 -7.52 2.22
C PRO A 148 8.33 -8.86 2.65
N THR A 149 8.52 -9.93 1.87
CA THR A 149 7.99 -11.24 2.29
C THR A 149 8.80 -11.82 3.44
N MET A 150 10.12 -11.64 3.39
CA MET A 150 10.98 -11.92 4.54
C MET A 150 10.43 -11.26 5.81
N VAL A 151 10.08 -9.98 5.73
CA VAL A 151 9.63 -9.24 6.90
C VAL A 151 8.35 -9.85 7.46
N VAL A 152 7.39 -10.19 6.59
CA VAL A 152 6.13 -10.80 7.06
C VAL A 152 6.41 -12.15 7.74
N CYS A 153 7.33 -12.96 7.19
CA CYS A 153 7.70 -14.19 7.87
C CYS A 153 8.19 -13.93 9.28
N ASP A 154 8.96 -12.86 9.46
CA ASP A 154 9.44 -12.55 10.80
C ASP A 154 8.31 -12.03 11.68
N LEU A 155 7.40 -11.21 11.13
CA LEU A 155 6.25 -10.76 11.90
C LEU A 155 5.43 -11.93 12.41
N LEU A 156 5.21 -12.94 11.56
CA LEU A 156 4.37 -14.09 11.89
C LEU A 156 5.15 -15.24 12.54
N GLY A 157 6.48 -15.18 12.57
CA GLY A 157 7.27 -16.23 13.21
C GLY A 157 7.29 -17.55 12.47
N VAL A 158 7.42 -17.52 11.15
CA VAL A 158 7.41 -18.72 10.31
C VAL A 158 8.69 -18.73 9.49
N PRO A 159 9.12 -19.91 9.02
CA PRO A 159 10.36 -19.97 8.22
C PRO A 159 10.20 -19.19 6.94
N LEU A 160 11.33 -18.63 6.47
CA LEU A 160 11.37 -17.83 5.25
C LEU A 160 10.75 -18.57 4.06
N ALA A 161 10.97 -19.89 3.95
CA ALA A 161 10.41 -20.65 2.84
C ALA A 161 8.88 -20.54 2.76
N ASP A 162 8.21 -20.22 3.88
CA ASP A 162 6.76 -20.08 3.88
C ASP A 162 6.30 -19.00 2.91
N ARG A 163 7.13 -17.99 2.63
CA ARG A 163 6.72 -16.97 1.66
C ARG A 163 6.62 -17.52 0.26
N GLU A 164 7.28 -18.64 -0.04
CA GLU A 164 7.04 -19.29 -1.32
C GLU A 164 5.62 -19.86 -1.40
N ARG A 165 5.00 -20.16 -0.26
CA ARG A 165 3.59 -20.55 -0.25
C ARG A 165 2.68 -19.34 -0.35
N PHE A 166 2.94 -18.30 0.44
CA PHE A 166 1.95 -17.24 0.59
C PHE A 166 2.26 -16.00 -0.26
N GLY A 167 3.31 -16.04 -1.10
CA GLY A 167 3.79 -14.82 -1.72
C GLY A 167 2.92 -14.27 -2.82
N GLN A 168 1.99 -15.08 -3.36
CA GLN A 168 1.03 -14.62 -4.36
C GLN A 168 -0.38 -14.50 -3.80
N TRP A 169 -0.58 -14.69 -2.50
CA TRP A 169 -1.93 -14.75 -1.99
C TRP A 169 -2.57 -13.37 -1.88
N ALA A 170 -1.76 -12.32 -1.72
CA ALA A 170 -2.32 -10.98 -1.73
C ALA A 170 -2.82 -10.64 -3.12
N ARG A 171 -2.01 -10.96 -4.14
CA ARG A 171 -2.40 -10.77 -5.53
C ARG A 171 -3.68 -11.56 -5.85
N GLY A 172 -3.74 -12.82 -5.44
CA GLY A 172 -4.91 -13.63 -5.76
C GLY A 172 -6.16 -13.21 -5.00
N THR A 173 -6.02 -12.89 -3.71
CA THR A 173 -7.17 -12.41 -2.95
C THR A 173 -7.71 -11.12 -3.54
N PHE A 174 -6.84 -10.26 -4.05
CA PHE A 174 -7.28 -8.94 -4.51
C PHE A 174 -7.43 -8.84 -6.04
N ASP A 175 -7.58 -9.98 -6.72
CA ASP A 175 -7.87 -10.00 -8.14
C ASP A 175 -9.34 -9.66 -8.34
N GLN A 176 -9.62 -8.42 -8.79
CA GLN A 176 -11.01 -7.99 -9.01
C GLN A 176 -11.63 -8.65 -10.23
N SER A 177 -10.84 -9.27 -11.11
CA SER A 177 -11.33 -9.84 -12.36
C SER A 177 -11.90 -11.24 -12.20
N ASP A 178 -11.72 -11.89 -11.06
CA ASP A 178 -12.08 -13.31 -10.99
C ASP A 178 -12.50 -13.61 -9.55
N ASN A 179 -13.80 -13.47 -9.29
CA ASN A 179 -14.31 -13.69 -7.94
C ASN A 179 -14.03 -15.10 -7.45
N GLU A 180 -14.09 -16.09 -8.35
CA GLU A 180 -13.84 -17.46 -7.92
C GLU A 180 -12.39 -17.66 -7.51
N HIS A 181 -11.46 -17.11 -8.29
CA HIS A 181 -10.06 -17.21 -7.92
C HIS A 181 -9.80 -16.48 -6.62
N SER A 182 -10.41 -15.30 -6.45
CA SER A 182 -10.27 -14.53 -5.22
C SER A 182 -10.67 -15.38 -4.01
N ALA A 183 -11.83 -16.06 -4.11
CA ALA A 183 -12.31 -16.80 -2.95
C ALA A 183 -11.46 -18.03 -2.69
N ASN A 184 -10.98 -18.71 -3.73
CA ASN A 184 -10.11 -19.86 -3.52
C ASN A 184 -8.79 -19.43 -2.90
N THR A 185 -8.27 -18.26 -3.29
CA THR A 185 -7.01 -17.81 -2.73
C THR A 185 -7.17 -17.44 -1.28
N PHE A 186 -8.25 -16.72 -0.96
CA PHE A 186 -8.49 -16.33 0.43
C PHE A 186 -8.71 -17.54 1.30
N GLN A 187 -9.39 -18.57 0.78
CA GLN A 187 -9.59 -19.78 1.57
C GLN A 187 -8.25 -20.40 1.97
N GLN A 188 -7.23 -20.28 1.11
CA GLN A 188 -5.89 -20.78 1.45
C GLN A 188 -5.24 -19.95 2.56
N VAL A 189 -5.36 -18.63 2.49
CA VAL A 189 -4.87 -17.76 3.56
C VAL A 189 -5.51 -18.14 4.89
N VAL A 190 -6.85 -18.27 4.89
CA VAL A 190 -7.59 -18.59 6.10
C VAL A 190 -7.15 -19.95 6.66
N ASP A 191 -7.02 -20.96 5.79
CA ASP A 191 -6.55 -22.26 6.25
C ASP A 191 -5.16 -22.14 6.86
N TYR A 192 -4.26 -21.44 6.17
CA TYR A 192 -2.89 -21.30 6.63
C TYR A 192 -2.83 -20.57 7.97
N MET A 193 -3.60 -19.51 8.10
CA MET A 193 -3.56 -18.71 9.33
C MET A 193 -4.07 -19.51 10.52
N LEU A 194 -5.18 -20.24 10.34
CA LEU A 194 -5.75 -21.02 11.44
C LEU A 194 -4.80 -22.11 11.91
N GLU A 195 -4.17 -22.81 10.96
CA GLU A 195 -3.13 -23.76 11.34
C GLU A 195 -2.00 -23.07 12.11
N LEU A 196 -1.67 -21.83 11.73
CA LEU A 196 -0.57 -21.13 12.38
C LEU A 196 -0.96 -20.67 13.78
N VAL A 197 -2.21 -20.22 13.95
CA VAL A 197 -2.66 -19.78 15.27
C VAL A 197 -2.65 -20.98 16.22
N ALA A 198 -3.16 -22.12 15.76
CA ALA A 198 -3.18 -23.33 16.58
C ALA A 198 -1.78 -23.72 17.00
N ARG A 199 -0.78 -23.51 16.15
CA ARG A 199 0.58 -23.89 16.53
C ARG A 199 1.19 -22.88 17.50
N LYS A 200 0.95 -21.59 17.28
CA LYS A 200 1.45 -20.56 18.18
C LYS A 200 0.85 -20.69 19.57
N ARG A 201 -0.27 -21.41 19.70
CA ARG A 201 -0.89 -21.62 21.01
CA ARG A 201 -0.90 -21.63 21.00
C ARG A 201 -0.07 -22.55 21.88
N VAL A 202 0.69 -23.47 21.28
CA VAL A 202 1.52 -24.40 22.05
C VAL A 202 3.00 -24.19 21.81
N GLU A 203 3.37 -23.47 20.77
CA GLU A 203 4.79 -23.20 20.49
C GLU A 203 4.92 -21.72 20.14
N PRO A 204 4.74 -20.83 21.11
CA PRO A 204 4.86 -19.39 20.82
C PRO A 204 6.30 -18.97 20.64
N GLY A 205 6.47 -17.78 20.07
CA GLY A 205 7.78 -17.15 19.98
C GLY A 205 7.68 -15.63 19.98
N ASP A 206 8.74 -14.96 19.52
CA ASP A 206 8.75 -13.50 19.54
C ASP A 206 8.20 -13.03 18.19
N ASP A 207 6.87 -13.09 18.09
CA ASP A 207 6.12 -12.75 16.87
C ASP A 207 4.75 -12.24 17.28
N ILE A 208 3.97 -11.79 16.28
CA ILE A 208 2.77 -11.01 16.62
C ILE A 208 1.61 -11.91 17.04
N LEU A 209 1.44 -13.08 16.42
CA LEU A 209 0.33 -13.94 16.83
C LEU A 209 0.52 -14.46 18.25
N SER A 210 1.78 -14.76 18.64
CA SER A 210 2.04 -15.18 20.02
C SER A 210 1.62 -14.10 20.99
N GLU A 211 1.91 -12.84 20.65
CA GLU A 211 1.53 -11.72 21.50
C GLU A 211 0.01 -11.54 21.52
N LEU A 212 -0.66 -11.81 20.41
CA LEU A 212 -2.11 -11.73 20.40
C LEU A 212 -2.73 -12.84 21.22
N ILE A 213 -2.16 -14.06 21.15
CA ILE A 213 -2.65 -15.15 21.98
C ILE A 213 -2.55 -14.79 23.45
N ALA A 214 -1.47 -14.09 23.83
CA ALA A 214 -1.30 -13.67 25.21
C ALA A 214 -2.17 -12.46 25.57
N GLU A 215 -2.70 -11.74 24.59
CA GLU A 215 -3.45 -10.53 24.85
C GLU A 215 -4.81 -10.83 25.47
N LYS A 216 -5.28 -9.89 26.29
CA LYS A 216 -6.56 -10.00 26.99
C LYS A 216 -6.67 -11.33 27.73
N ASP A 217 -5.53 -11.76 28.31
CA ASP A 217 -5.32 -13.08 28.89
C ASP A 217 -5.95 -14.20 28.07
N GLY A 218 -5.98 -14.01 26.74
CA GLY A 218 -6.51 -15.02 25.85
C GLY A 218 -7.99 -14.93 25.56
N ALA A 219 -8.63 -13.79 25.87
CA ALA A 219 -10.07 -13.65 25.61
C ALA A 219 -10.37 -13.66 24.12
N LEU A 220 -9.41 -13.27 23.29
CA LEU A 220 -9.61 -13.24 21.85
C LEU A 220 -9.79 -14.65 21.30
N SER A 221 -10.84 -14.83 20.49
CA SER A 221 -11.01 -16.12 19.83
C SER A 221 -9.89 -16.36 18.82
N ASP A 222 -9.66 -17.64 18.54
CA ASP A 222 -8.74 -18.00 17.47
C ASP A 222 -9.12 -17.30 16.17
N ALA A 223 -10.43 -17.16 15.92
CA ALA A 223 -10.88 -16.48 14.71
C ALA A 223 -10.53 -15.01 14.74
N ASP A 224 -10.71 -14.36 15.90
CA ASP A 224 -10.26 -12.97 16.05
C ASP A 224 -8.78 -12.84 15.71
N ILE A 225 -7.96 -13.77 16.21
CA ILE A 225 -6.51 -13.67 16.03
C ILE A 225 -6.13 -13.94 14.59
N ALA A 226 -6.72 -14.99 13.99
CA ALA A 226 -6.46 -15.30 12.59
C ALA A 226 -6.89 -14.16 11.67
N HIS A 227 -7.99 -13.48 12.01
CA HIS A 227 -8.42 -12.31 11.25
C HIS A 227 -7.34 -11.24 11.23
N LEU A 228 -6.77 -10.92 12.41
CA LEU A 228 -5.71 -9.91 12.48
C LEU A 228 -4.44 -10.38 11.76
N GLY A 229 -4.12 -11.67 11.84
CA GLY A 229 -2.98 -12.17 11.09
C GLY A 229 -3.19 -12.17 9.59
N ASN A 230 -4.43 -12.38 9.16
CA ASN A 230 -4.76 -12.29 7.74
C ASN A 230 -4.56 -10.86 7.23
N ALA A 231 -4.91 -9.87 8.04
CA ALA A 231 -4.66 -8.48 7.67
C ALA A 231 -3.16 -8.20 7.56
N VAL A 232 -2.36 -8.77 8.46
CA VAL A 232 -0.92 -8.57 8.41
C VAL A 232 -0.32 -9.24 7.18
N LEU A 233 -0.69 -10.49 6.92
CA LEU A 233 -0.15 -11.20 5.75
C LEU A 233 -0.56 -10.50 4.45
N LEU A 234 -1.84 -10.12 4.35
CA LEU A 234 -2.38 -9.67 3.06
C LEU A 234 -2.11 -8.20 2.78
N PHE A 235 -1.94 -7.38 3.83
CA PHE A 235 -1.51 -5.98 3.66
C PHE A 235 -0.01 -5.79 3.91
N GLY A 236 0.68 -6.78 4.50
CA GLY A 236 2.01 -6.53 5.00
C GLY A 236 3.15 -6.61 4.00
N TYR A 237 2.92 -7.07 2.76
CA TYR A 237 4.06 -7.17 1.86
C TYR A 237 3.82 -6.62 0.45
N GLU A 238 2.61 -6.81 -0.08
CA GLU A 238 2.41 -6.52 -1.50
C GLU A 238 2.64 -5.04 -1.81
N THR A 239 2.03 -4.14 -1.04
CA THR A 239 2.22 -2.71 -1.30
C THR A 239 3.68 -2.32 -1.18
N THR A 240 4.40 -2.90 -0.22
CA THR A 240 5.81 -2.57 -0.06
C THR A 240 6.63 -3.03 -1.28
N ILE A 241 6.32 -4.23 -1.80
CA ILE A 241 6.92 -4.70 -3.05
C ILE A 241 6.75 -3.65 -4.13
N VAL A 242 5.50 -3.25 -4.35
CA VAL A 242 5.16 -2.29 -5.38
C VAL A 242 5.93 -0.97 -5.19
N ARG A 243 6.09 -0.54 -3.93
CA ARG A 243 6.85 0.69 -3.70
C ARG A 243 8.34 0.51 -3.99
N ILE A 244 8.87 -0.70 -3.82
CA ILE A 244 10.27 -0.95 -4.20
C ILE A 244 10.43 -0.88 -5.72
N ASP A 245 9.55 -1.56 -6.45
CA ASP A 245 9.59 -1.45 -7.91
C ASP A 245 9.41 0.01 -8.36
N LEU A 246 8.41 0.72 -7.81
CA LEU A 246 8.16 2.11 -8.20
C LEU A 246 9.32 3.02 -7.85
N GLY A 247 9.89 2.87 -6.65
CA GLY A 247 11.05 3.66 -6.27
C GLY A 247 12.25 3.44 -7.17
N THR A 248 12.53 2.18 -7.55
CA THR A 248 13.58 1.93 -8.52
C THR A 248 13.31 2.67 -9.84
N LEU A 249 12.07 2.61 -10.32
CA LEU A 249 11.77 3.26 -11.59
C LEU A 249 11.92 4.78 -11.50
N LEU A 250 11.47 5.38 -10.38
CA LEU A 250 11.61 6.82 -10.22
C LEU A 250 13.08 7.23 -10.15
N LEU A 251 13.91 6.46 -9.46
CA LEU A 251 15.30 6.88 -9.33
C LEU A 251 16.05 6.70 -10.65
N LEU A 252 15.69 5.68 -11.44
CA LEU A 252 16.24 5.56 -12.80
C LEU A 252 15.83 6.75 -13.67
N ARG A 253 14.63 7.29 -13.47
CA ARG A 253 14.22 8.47 -14.23
C ARG A 253 14.92 9.74 -13.78
N ASN A 254 15.54 9.77 -12.61
CA ASN A 254 16.10 11.01 -12.06
C ASN A 254 17.55 10.80 -11.70
N PRO A 255 18.44 10.70 -12.70
CA PRO A 255 19.85 10.32 -12.42
C PRO A 255 20.60 11.30 -11.52
N VAL A 256 20.32 12.60 -11.60
CA VAL A 256 20.99 13.58 -10.74
C VAL A 256 20.71 13.26 -9.28
N GLN A 257 19.43 13.12 -8.93
N GLN A 257 19.43 13.11 -8.92
CA GLN A 257 19.03 12.76 -7.58
CA GLN A 257 19.09 12.77 -7.54
C GLN A 257 19.57 11.39 -7.19
C GLN A 257 19.60 11.38 -7.18
N ARG A 258 19.53 10.43 -8.13
CA ARG A 258 20.04 9.09 -7.87
C ARG A 258 21.53 9.10 -7.54
N ALA A 259 22.33 9.84 -8.30
CA ALA A 259 23.77 9.89 -8.02
C ALA A 259 24.03 10.55 -6.66
N GLN A 260 23.27 11.60 -6.33
CA GLN A 260 23.34 12.21 -5.00
C GLN A 260 23.15 11.15 -3.93
N LEU A 261 22.13 10.30 -4.12
CA LEU A 261 21.79 9.26 -3.15
C LEU A 261 22.91 8.23 -3.02
N ALA A 262 23.46 7.78 -4.16
CA ALA A 262 24.57 6.84 -4.12
C ALA A 262 25.77 7.43 -3.37
N GLU A 263 26.02 8.73 -3.55
CA GLU A 263 27.12 9.38 -2.85
C GLU A 263 26.84 9.48 -1.37
N ASP A 264 25.62 9.87 -1.00
CA ASP A 264 25.26 10.16 0.39
C ASP A 264 24.02 9.33 0.73
N PRO A 265 24.22 8.12 1.24
CA PRO A 265 23.07 7.31 1.66
C PRO A 265 22.27 7.93 2.81
N GLY A 266 22.75 9.01 3.42
CA GLY A 266 21.96 9.78 4.39
C GLY A 266 20.76 10.46 3.76
N LEU A 267 20.71 10.50 2.43
CA LEU A 267 19.56 11.03 1.71
C LEU A 267 18.46 10.00 1.54
N ALA A 268 18.68 8.75 1.96
CA ALA A 268 17.67 7.71 1.76
C ALA A 268 16.32 8.03 2.40
N PRO A 269 16.23 8.53 3.66
CA PRO A 269 14.89 8.88 4.19
C PRO A 269 14.16 9.89 3.32
N ALA A 270 14.87 10.92 2.86
CA ALA A 270 14.27 11.91 1.97
C ALA A 270 13.81 11.27 0.67
N ALA A 271 14.70 10.49 0.03
CA ALA A 271 14.32 9.76 -1.18
C ALA A 271 13.06 8.93 -0.97
N VAL A 272 12.97 8.27 0.19
CA VAL A 272 11.84 7.37 0.46
C VAL A 272 10.53 8.15 0.52
N GLU A 273 10.55 9.34 1.12
CA GLU A 273 9.32 10.13 1.15
C GLU A 273 8.95 10.64 -0.24
N GLU A 274 9.94 10.95 -1.09
CA GLU A 274 9.62 11.32 -2.47
C GLU A 274 9.11 10.11 -3.24
N ILE A 275 9.71 8.94 -3.03
CA ILE A 275 9.22 7.72 -3.65
C ILE A 275 7.76 7.49 -3.28
N LEU A 276 7.44 7.56 -1.99
CA LEU A 276 6.06 7.33 -1.57
C LEU A 276 5.12 8.38 -2.15
N ARG A 277 5.56 9.63 -2.19
CA ARG A 277 4.72 10.72 -2.70
C ARG A 277 4.45 10.57 -4.19
N LEU A 278 5.48 10.27 -4.99
CA LEU A 278 5.34 10.22 -6.44
C LEU A 278 5.04 8.82 -6.97
N GLY A 279 5.25 7.78 -6.18
CA GLY A 279 5.05 6.41 -6.63
C GLY A 279 3.60 6.04 -6.87
N VAL A 280 3.12 6.37 -8.06
CA VAL A 280 1.77 5.99 -8.53
C VAL A 280 1.94 5.26 -9.86
N GLY A 281 1.30 4.10 -9.99
CA GLY A 281 1.49 3.21 -11.14
C GLY A 281 0.29 3.17 -12.07
N GLY A 282 0.56 3.12 -13.38
CA GLY A 282 -0.50 2.97 -14.37
C GLY A 282 -1.62 3.97 -14.19
N LYS A 283 -2.85 3.46 -14.16
CA LYS A 283 -4.04 4.29 -13.94
C LYS A 283 -4.25 4.70 -12.48
N GLY A 284 -3.42 4.20 -11.55
CA GLY A 284 -3.47 4.65 -10.18
C GLY A 284 -4.78 4.41 -9.45
N SER A 285 -5.47 3.31 -9.79
CA SER A 285 -6.69 2.93 -9.09
C SER A 285 -6.46 2.62 -7.63
N ASN A 286 -5.31 2.04 -7.29
CA ASN A 286 -4.96 1.79 -5.90
C ASN A 286 -4.61 3.07 -5.14
N ALA A 287 -4.39 4.19 -5.83
CA ALA A 287 -4.14 5.47 -5.17
C ALA A 287 -5.44 6.23 -4.91
N LEU A 288 -6.56 5.51 -4.79
CA LEU A 288 -7.85 6.06 -4.40
C LEU A 288 -8.29 5.35 -3.13
N ILE A 289 -8.57 6.12 -2.08
CA ILE A 289 -9.12 5.58 -0.85
C ILE A 289 -10.65 5.72 -0.92
N PRO A 290 -11.40 4.63 -0.83
CA PRO A 290 -12.87 4.70 -0.94
C PRO A 290 -13.56 4.93 0.40
N ARG A 291 -14.62 5.73 0.39
CA ARG A 291 -15.40 6.00 1.60
C ARG A 291 -16.86 6.19 1.21
N TYR A 292 -17.72 6.11 2.22
CA TYR A 292 -19.15 6.45 2.13
C TYR A 292 -19.48 7.50 3.16
N ALA A 293 -20.35 8.45 2.77
CA ALA A 293 -20.81 9.47 3.69
C ALA A 293 -21.82 8.86 4.67
N HIS A 294 -21.51 8.92 5.96
CA HIS A 294 -22.47 8.57 6.99
C HIS A 294 -23.23 9.77 7.51
N GLY A 295 -22.79 10.98 7.15
CA GLY A 295 -23.60 12.17 7.33
C GLY A 295 -23.36 13.11 6.15
N ASP A 296 -24.19 14.15 6.07
CA ASP A 296 -23.99 15.18 5.05
C ASP A 296 -22.70 15.95 5.34
N ILE A 297 -21.95 16.24 4.26
CA ILE A 297 -20.70 16.98 4.34
C ILE A 297 -20.68 18.00 3.20
N THR A 298 -20.31 19.23 3.50
CA THR A 298 -20.12 20.25 2.48
C THR A 298 -18.64 20.35 2.15
N VAL A 299 -18.30 20.16 0.88
CA VAL A 299 -16.92 20.21 0.41
C VAL A 299 -16.87 21.19 -0.74
N GLY A 300 -16.11 22.26 -0.56
CA GLY A 300 -16.19 23.36 -1.51
C GLY A 300 -17.58 23.92 -1.44
N GLU A 301 -18.26 23.94 -2.58
CA GLU A 301 -19.68 24.26 -2.67
C GLU A 301 -20.52 23.04 -2.97
N THR A 302 -19.90 21.86 -3.01
CA THR A 302 -20.58 20.59 -3.25
C THR A 302 -21.09 19.99 -1.94
N VAL A 303 -22.33 19.50 -1.98
CA VAL A 303 -22.93 18.82 -0.84
C VAL A 303 -22.84 17.31 -1.06
N ILE A 304 -22.07 16.62 -0.22
CA ILE A 304 -22.03 15.16 -0.21
C ILE A 304 -23.10 14.69 0.76
N ARG A 305 -24.10 13.98 0.25
CA ARG A 305 -25.18 13.55 1.14
C ARG A 305 -24.92 12.16 1.70
N THR A 306 -25.55 11.91 2.84
CA THR A 306 -25.46 10.62 3.52
C THR A 306 -25.70 9.48 2.53
N GLY A 307 -24.78 8.54 2.51
CA GLY A 307 -24.88 7.35 1.68
C GLY A 307 -24.11 7.42 0.38
N ASP A 308 -23.67 8.61 -0.05
CA ASP A 308 -22.87 8.74 -1.26
C ASP A 308 -21.48 8.11 -1.11
N ALA A 309 -20.98 7.59 -2.23
CA ALA A 309 -19.61 7.10 -2.32
C ALA A 309 -18.65 8.25 -2.65
N VAL A 310 -17.47 8.18 -2.07
CA VAL A 310 -16.47 9.24 -2.20
C VAL A 310 -15.12 8.57 -2.48
N MET A 311 -14.47 9.00 -3.55
CA MET A 311 -13.14 8.51 -3.89
C MET A 311 -12.14 9.61 -3.51
N LEU A 312 -11.26 9.30 -2.56
CA LEU A 312 -10.28 10.27 -2.05
C LEU A 312 -8.94 9.95 -2.74
N ALA A 313 -8.55 10.81 -3.68
CA ALA A 313 -7.43 10.56 -4.59
C ALA A 313 -6.12 10.97 -3.94
N ILE A 314 -5.58 10.08 -3.10
CA ILE A 314 -4.34 10.41 -2.39
C ILE A 314 -3.17 10.53 -3.35
N GLY A 315 -3.22 9.84 -4.49
CA GLY A 315 -2.18 10.01 -5.49
C GLY A 315 -2.22 11.38 -6.12
N ALA A 316 -3.41 11.81 -6.57
CA ALA A 316 -3.54 13.15 -7.15
C ALA A 316 -3.18 14.23 -6.15
N ALA A 317 -3.61 14.05 -4.89
CA ALA A 317 -3.29 15.02 -3.83
C ALA A 317 -1.79 15.12 -3.59
N ASN A 318 -1.09 13.99 -3.61
CA ASN A 318 0.36 13.98 -3.48
C ASN A 318 1.08 14.68 -4.63
N TYR A 319 0.42 14.88 -5.78
CA TYR A 319 1.01 15.60 -6.91
C TYR A 319 0.56 17.06 -6.97
N ASP A 320 -0.21 17.49 -5.99
CA ASP A 320 -0.92 18.77 -6.06
C ASP A 320 0.05 19.93 -5.84
N ASP A 321 0.17 20.79 -6.87
CA ASP A 321 1.06 21.94 -6.79
C ASP A 321 0.79 22.80 -5.58
N ARG A 322 -0.45 22.84 -5.10
CA ARG A 322 -0.80 23.68 -3.97
C ARG A 322 -0.10 23.22 -2.70
N ALA A 323 0.17 21.92 -2.60
CA ALA A 323 0.87 21.32 -1.47
C ALA A 323 2.37 21.13 -1.72
N PHE A 324 2.76 20.76 -2.94
CA PHE A 324 4.15 20.45 -3.29
C PHE A 324 4.51 21.22 -4.55
N PRO A 325 5.28 22.29 -4.43
CA PRO A 325 5.62 23.08 -5.63
C PRO A 325 6.31 22.22 -6.68
N ASP A 326 5.93 22.43 -7.94
CA ASP A 326 6.26 21.49 -9.02
C ASP A 326 6.04 20.06 -8.56
N GLY A 327 4.78 19.68 -8.33
CA GLY A 327 4.48 18.43 -7.64
C GLY A 327 4.89 17.20 -8.43
N GLY A 328 5.03 17.33 -9.75
CA GLY A 328 5.47 16.22 -10.56
C GLY A 328 6.96 15.96 -10.56
N LEU A 329 7.75 16.82 -9.94
CA LEU A 329 9.20 16.67 -9.98
C LEU A 329 9.72 15.94 -8.74
N PHE A 330 10.65 15.02 -8.98
CA PHE A 330 11.36 14.28 -7.94
C PHE A 330 12.47 15.17 -7.37
N ASP A 331 12.40 15.45 -6.07
CA ASP A 331 13.33 16.40 -5.45
C ASP A 331 13.66 15.91 -4.04
N LEU A 332 14.90 15.46 -3.86
CA LEU A 332 15.41 15.07 -2.54
C LEU A 332 15.50 16.25 -1.57
N THR A 333 15.44 17.48 -2.07
CA THR A 333 15.72 18.65 -1.25
C THR A 333 14.46 19.43 -0.89
N ARG A 334 13.29 18.79 -0.94
CA ARG A 334 12.08 19.54 -0.62
C ARG A 334 12.13 19.99 0.83
N VAL A 335 12.39 21.28 1.04
CA VAL A 335 12.46 21.80 2.41
C VAL A 335 11.14 21.49 3.09
N ARG A 336 11.21 20.74 4.22
CA ARG A 336 10.05 20.47 5.07
C ARG A 336 8.86 20.08 4.19
N PRO A 337 8.89 18.91 3.55
CA PRO A 337 7.79 18.55 2.64
C PRO A 337 6.51 18.30 3.43
N ARG A 338 5.41 18.94 2.98
CA ARG A 338 4.08 18.62 3.51
C ARG A 338 3.92 17.11 3.54
N SER A 339 3.46 16.58 4.67
CA SER A 339 3.37 15.14 4.76
C SER A 339 2.51 14.60 3.64
N HIS A 340 3.06 13.68 2.86
CA HIS A 340 2.30 13.08 1.79
C HIS A 340 1.21 12.21 2.39
N LEU A 341 0.23 11.86 1.55
CA LEU A 341 -0.95 11.09 1.95
C LEU A 341 -0.86 9.63 1.53
N ALA A 342 0.34 9.14 1.18
CA ALA A 342 0.45 7.80 0.63
C ALA A 342 0.16 6.70 1.66
N PHE A 343 0.26 7.00 2.96
CA PHE A 343 -0.15 6.07 4.00
C PHE A 343 -1.53 6.39 4.54
N GLY A 344 -2.28 7.23 3.85
CA GLY A 344 -3.56 7.65 4.37
C GLY A 344 -3.42 8.70 5.45
N HIS A 345 -4.49 8.84 6.23
CA HIS A 345 -4.57 9.90 7.22
C HIS A 345 -5.86 9.72 8.00
N GLY A 346 -5.90 10.21 9.24
CA GLY A 346 -7.08 10.09 10.07
C GLY A 346 -7.25 8.71 10.70
N ALA A 347 -8.49 8.27 10.80
CA ALA A 347 -8.83 7.11 11.62
C ALA A 347 -8.18 5.82 11.11
N ARG A 348 -7.92 5.71 9.82
CA ARG A 348 -7.36 4.46 9.28
C ARG A 348 -5.91 4.63 8.80
N HIS A 349 -5.21 5.66 9.30
CA HIS A 349 -3.79 5.86 9.01
C HIS A 349 -3.00 4.56 9.13
N CYS A 350 -2.28 4.23 8.06
CA CYS A 350 -1.59 2.95 7.90
C CYS A 350 -0.83 2.54 9.17
N ILE A 351 -1.09 1.32 9.64
CA ILE A 351 -0.45 0.86 10.88
C ILE A 351 0.97 0.33 10.64
N GLY A 352 1.27 -0.20 9.46
CA GLY A 352 2.62 -0.67 9.22
C GLY A 352 3.57 0.36 8.63
N ARG A 353 3.20 1.64 8.69
CA ARG A 353 3.93 2.62 7.89
C ARG A 353 5.37 2.84 8.38
N THR A 354 5.63 2.71 9.69
CA THR A 354 7.04 2.83 10.11
C THR A 354 7.86 1.64 9.65
N LEU A 355 7.28 0.44 9.70
CA LEU A 355 7.99 -0.74 9.21
C LEU A 355 8.28 -0.60 7.71
N ALA A 356 7.28 -0.17 6.92
CA ALA A 356 7.48 -0.01 5.49
C ALA A 356 8.60 0.98 5.19
N ARG A 357 8.62 2.09 5.94
CA ARG A 357 9.66 3.08 5.74
C ARG A 357 11.04 2.51 6.06
N ILE A 358 11.13 1.69 7.11
CA ILE A 358 12.40 1.08 7.46
C ILE A 358 12.90 0.19 6.32
N GLU A 359 11.99 -0.60 5.74
CA GLU A 359 12.32 -1.47 4.62
C GLU A 359 12.75 -0.69 3.41
N LEU A 360 11.94 0.30 3.01
CA LEU A 360 12.28 1.09 1.84
C LEU A 360 13.61 1.80 2.05
N THR A 361 13.85 2.29 3.28
CA THR A 361 15.06 3.06 3.57
C THR A 361 16.29 2.17 3.47
N ALA A 362 16.24 0.99 4.07
CA ALA A 362 17.32 0.02 3.94
C ALA A 362 17.64 -0.26 2.48
N VAL A 363 16.60 -0.46 1.65
CA VAL A 363 16.80 -0.80 0.23
C VAL A 363 17.54 0.33 -0.49
N PHE A 364 16.97 1.54 -0.43
CA PHE A 364 17.48 2.64 -1.24
C PHE A 364 18.67 3.34 -0.61
N GLU A 365 19.05 2.95 0.62
CA GLU A 365 20.37 3.27 1.15
C GLU A 365 21.46 2.59 0.35
N ARG A 366 21.18 1.40 -0.17
CA ARG A 366 22.20 0.49 -0.68
C ARG A 366 22.14 0.27 -2.18
N LEU A 367 20.95 0.27 -2.78
CA LEU A 367 20.78 -0.26 -4.13
C LEU A 367 21.78 0.34 -5.13
N PHE A 368 21.80 1.67 -5.26
CA PHE A 368 22.63 2.30 -6.28
C PHE A 368 24.06 2.57 -5.82
N ARG A 369 24.33 2.40 -4.52
CA ARG A 369 25.69 2.35 -4.07
C ARG A 369 26.31 0.97 -4.32
N ARG A 370 25.51 -0.09 -4.22
CA ARG A 370 26.00 -1.44 -4.49
C ARG A 370 26.01 -1.79 -5.98
N LEU A 371 25.06 -1.27 -6.76
CA LEU A 371 25.00 -1.46 -8.22
C LEU A 371 24.77 -0.13 -8.92
N PRO A 372 25.80 0.72 -9.01
CA PRO A 372 25.59 2.06 -9.58
C PRO A 372 25.16 2.05 -11.03
N ASP A 373 25.54 1.02 -11.78
CA ASP A 373 25.21 0.94 -13.20
C ASP A 373 23.87 0.26 -13.45
N LEU A 374 23.09 -0.04 -12.41
CA LEU A 374 21.81 -0.72 -12.59
C LEU A 374 20.87 0.12 -13.46
N ARG A 375 20.24 -0.53 -14.43
CA ARG A 375 19.34 0.13 -15.37
C ARG A 375 18.32 -0.89 -15.88
N LEU A 376 17.22 -0.39 -16.46
CA LEU A 376 16.24 -1.26 -17.07
C LEU A 376 16.83 -1.98 -18.27
N ALA A 377 16.57 -3.28 -18.37
CA ALA A 377 16.98 -4.07 -19.53
C ALA A 377 15.94 -4.09 -20.64
N VAL A 378 14.76 -3.54 -20.40
CA VAL A 378 13.70 -3.44 -21.40
C VAL A 378 13.22 -1.99 -21.42
N PRO A 379 12.55 -1.56 -22.48
CA PRO A 379 11.94 -0.21 -22.44
C PRO A 379 10.89 -0.12 -21.34
N GLU A 380 10.69 1.11 -20.84
CA GLU A 380 9.66 1.35 -19.82
C GLU A 380 8.28 0.96 -20.31
N GLU A 381 8.02 1.20 -21.61
CA GLU A 381 6.73 0.93 -22.24
C GLU A 381 6.36 -0.55 -22.23
N SER A 382 7.33 -1.44 -22.01
CA SER A 382 7.02 -2.86 -21.92
C SER A 382 6.61 -3.27 -20.50
N LEU A 383 6.74 -2.39 -19.52
CA LEU A 383 6.34 -2.73 -18.16
C LEU A 383 4.84 -2.59 -18.01
N ARG A 384 4.18 -3.63 -17.50
CA ARG A 384 2.71 -3.67 -17.46
C ARG A 384 2.19 -3.64 -16.03
N TRP A 385 1.50 -2.55 -15.69
CA TRP A 385 0.82 -2.38 -14.41
C TRP A 385 -0.46 -3.21 -14.40
N GLN A 386 -0.65 -4.01 -13.35
CA GLN A 386 -1.75 -4.98 -13.31
C GLN A 386 -2.99 -4.32 -12.74
N GLU A 387 -3.83 -3.78 -13.64
CA GLU A 387 -4.99 -2.97 -13.27
C GLU A 387 -6.05 -3.79 -12.53
N HIS A 388 -6.14 -5.10 -12.80
CA HIS A 388 -7.18 -5.92 -12.21
C HIS A 388 -6.94 -6.22 -10.73
N ARG A 389 -5.74 -5.98 -10.23
CA ARG A 389 -5.45 -6.22 -8.82
C ARG A 389 -5.66 -4.92 -8.04
N ILE A 390 -6.37 -5.01 -6.90
CA ILE A 390 -6.60 -3.83 -6.09
C ILE A 390 -5.29 -3.12 -5.80
N THR A 391 -4.23 -3.90 -5.55
CA THR A 391 -2.90 -3.41 -5.20
C THR A 391 -2.03 -3.14 -6.44
N GLY A 392 -2.50 -3.48 -7.64
CA GLY A 392 -1.80 -3.10 -8.86
C GLY A 392 -0.45 -3.78 -8.99
N GLY A 393 0.59 -2.97 -9.22
CA GLY A 393 1.95 -3.45 -9.28
C GLY A 393 2.36 -3.94 -10.66
N PHE A 394 3.68 -4.03 -10.85
CA PHE A 394 4.27 -4.66 -12.01
C PHE A 394 4.58 -6.12 -11.70
N ASP A 395 4.64 -6.94 -12.77
CA ASP A 395 4.92 -8.37 -12.60
C ASP A 395 6.39 -8.74 -12.78
N GLU A 396 7.19 -7.90 -13.44
CA GLU A 396 8.63 -8.14 -13.60
C GLU A 396 9.30 -6.82 -13.94
N ILE A 397 10.52 -6.66 -13.45
CA ILE A 397 11.34 -5.48 -13.76
C ILE A 397 12.70 -5.97 -14.22
N PRO A 398 12.85 -6.31 -15.52
CA PRO A 398 14.15 -6.74 -16.04
C PRO A 398 15.21 -5.65 -15.92
N VAL A 399 16.37 -6.01 -15.35
CA VAL A 399 17.45 -5.06 -15.16
C VAL A 399 18.77 -5.65 -15.64
N THR A 400 19.65 -4.75 -16.08
CA THR A 400 21.06 -5.05 -16.23
C THR A 400 21.85 -4.13 -15.30
N PHE A 401 23.12 -4.47 -15.11
CA PHE A 401 23.99 -3.76 -14.19
C PHE A 401 25.44 -4.08 -14.47
#